data_1LUU
#
_entry.id   1LUU
#
_entity_poly.entity_id   1
_entity_poly.type   'polyribonucleotide'
_entity_poly.pdbx_seq_one_letter_code
;CCAGA(OMC)U(OMG)AA(1MG)AU(5MC)UGG
;
_entity_poly.pdbx_strand_id   A
#
loop_
_chem_comp.id
_chem_comp.type
_chem_comp.name
_chem_comp.formula
1MG RNA linking 1N-METHYLGUANOSINE-5'-MONOPHOSPHATE 'C11 H16 N5 O8 P'
5MC RNA linking 5-METHYLCYTIDINE-5'-MONOPHOSPHATE 'C10 H16 N3 O8 P'
A RNA linking ADENOSINE-5'-MONOPHOSPHATE 'C10 H14 N5 O7 P'
C RNA linking CYTIDINE-5'-MONOPHOSPHATE 'C9 H14 N3 O8 P'
G RNA linking GUANOSINE-5'-MONOPHOSPHATE 'C10 H14 N5 O8 P'
OMC RNA linking O2'-METHYLYCYTIDINE-5'-MONOPHOSPHATE 'C10 H16 N3 O8 P'
OMG RNA linking O2'-METHYLGUANOSINE-5'-MONOPHOSPHATE 'C11 H16 N5 O8 P'
U RNA linking URIDINE-5'-MONOPHOSPHATE 'C9 H13 N2 O9 P'
#
# COMPACT_ATOMS: atom_id res chain seq x y z
N1 OMC A 6 -1.82 0.80 4.50
C2 OMC A 6 -0.82 0.23 3.73
N3 OMC A 6 0.11 -0.58 4.32
C4 OMC A 6 -0.02 -0.90 5.62
C5 OMC A 6 -1.07 -0.35 6.43
C6 OMC A 6 -1.95 0.49 5.82
O2 OMC A 6 -0.75 0.44 2.53
N4 OMC A 6 0.88 -1.70 6.19
C1' OMC A 6 -2.74 1.76 3.85
C2' OMC A 6 -3.96 1.06 3.23
O2' OMC A 6 -4.16 1.27 1.82
CM2 OMC A 6 -3.92 2.58 1.35
C3' OMC A 6 -5.14 1.46 4.11
C4' OMC A 6 -4.64 2.75 4.73
O4' OMC A 6 -3.23 2.67 4.81
O3' OMC A 6 -6.36 1.72 3.45
C5' OMC A 6 -5.30 3.11 6.06
O5' OMC A 6 -5.02 2.11 7.02
P OMC A 6 -5.47 2.24 8.56
OP1 OMC A 6 -6.80 2.90 8.60
OP2 OMC A 6 -5.30 0.90 9.19
H5 OMC A 6 -1.20 -0.56 7.47
H6 OMC A 6 -2.77 0.95 6.38
HN41 OMC A 6 1.63 -2.07 5.61
HN42 OMC A 6 0.83 -1.89 7.18
H1' OMC A 6 -2.19 2.32 3.12
H2' OMC A 6 -3.88 -0.01 3.36
HM21 OMC A 6 -2.86 2.75 1.17
HM22 OMC A 6 -4.28 3.35 2.03
HM23 OMC A 6 -4.44 2.70 0.41
H3' OMC A 6 -5.28 0.72 4.91
H4' OMC A 6 -4.88 3.49 3.98
H5' OMC A 6 -4.93 4.07 6.41
H5'' OMC A 6 -6.38 3.19 5.92
P OMG A 8 -9.18 -1.23 -2.52
OP1 OMG A 8 -9.87 0.06 -2.69
OP2 OMG A 8 -9.38 -2.03 -1.29
O5' OMG A 8 -9.51 -2.16 -3.78
C5' OMG A 8 -9.05 -3.50 -3.86
C4' OMG A 8 -9.10 -4.02 -5.31
O4' OMG A 8 -8.12 -3.18 -5.91
C3' OMG A 8 -8.59 -5.44 -5.41
O3' OMG A 8 -9.56 -6.40 -5.81
C2' OMG A 8 -7.64 -5.35 -6.61
O2' OMG A 8 -8.20 -5.89 -7.79
CM2 OMG A 8 -7.23 -6.55 -8.55
C1' OMG A 8 -7.39 -3.87 -6.89
N9 OMG A 8 -5.95 -3.50 -6.77
C8 OMG A 8 -4.99 -3.96 -5.89
N7 OMG A 8 -3.86 -3.30 -5.99
C5 OMG A 8 -4.07 -2.43 -7.04
C6 OMG A 8 -3.23 -1.40 -7.58
O6 OMG A 8 -2.18 -0.97 -7.13
N1 OMG A 8 -3.74 -0.86 -8.76
C2 OMG A 8 -4.97 -1.19 -9.30
N2 OMG A 8 -5.32 -0.55 -10.42
N3 OMG A 8 -5.80 -2.07 -8.75
C4 OMG A 8 -5.30 -2.66 -7.63
H5' OMG A 8 -9.70 -4.14 -3.24
H5'' OMG A 8 -8.03 -3.57 -3.48
H4' OMG A 8 -10.04 -3.95 -5.84
H3' OMG A 8 -8.05 -5.71 -4.50
H2' OMG A 8 -6.75 -5.87 -6.30
HM21 OMG A 8 -6.29 -5.99 -8.55
HM22 OMG A 8 -7.07 -7.54 -8.11
HM23 OMG A 8 -7.60 -6.67 -9.56
H1' OMG A 8 -7.79 -3.59 -7.87
H8 OMG A 8 -5.11 -4.76 -5.18
HN1 OMG A 8 -3.17 -0.16 -9.21
HN21 OMG A 8 -4.70 0.13 -10.84
HN22 OMG A 8 -6.22 -0.73 -10.84
P 1MG A 11 3.27 -8.93 -2.77
OP1 1MG A 11 4.44 -9.76 -3.14
OP2 1MG A 11 2.51 -9.23 -1.53
O5' 1MG A 11 3.71 -7.40 -2.70
C5' 1MG A 11 4.81 -6.87 -3.42
C4' 1MG A 11 4.82 -5.33 -3.29
O4' 1MG A 11 4.27 -5.12 -2.03
C3' 1MG A 11 6.25 -4.82 -3.42
O3' 1MG A 11 6.22 -3.86 -4.47
C2' 1MG A 11 6.58 -4.56 -1.96
O2' 1MG A 11 7.35 -3.39 -1.79
C1' 1MG A 11 5.25 -4.68 -1.17
N9 1MG A 11 5.40 -5.45 0.04
C8 1MG A 11 4.82 -6.63 0.43
N7 1MG A 11 4.87 -6.82 1.72
C5 1MG A 11 5.51 -5.68 2.20
C6 1MG A 11 5.84 -5.28 3.52
O6 1MG A 11 5.74 -5.96 4.54
N1 1MG A 11 6.33 -3.95 3.55
CM1 1MG A 11 6.65 -3.40 4.83
C2 1MG A 11 6.59 -3.16 2.45
N2 1MG A 11 7.23 -1.98 2.60
N3 1MG A 11 6.33 -3.57 1.22
C4 1MG A 11 5.80 -4.83 1.18
H5' 1MG A 11 4.83 -7.18 -4.46
H5'' 1MG A 11 5.69 -7.26 -2.91
H4' 1MG A 11 4.22 -4.64 -3.90
H3' 1MG A 11 6.89 -5.63 -3.79
H2' 1MG A 11 7.21 -5.39 -1.64
HO2' 1MG A 11 8.09 -3.45 -2.41
H1' 1MG A 11 4.82 -3.85 -0.69
H8 1MG A 11 4.33 -7.30 -0.26
HM11 1MG A 11 6.47 -2.33 4.82
HM12 1MG A 11 7.70 -3.64 4.99
HM13 1MG A 11 5.98 -3.83 5.57
HN21 1MG A 11 7.59 -1.69 3.50
HN22 1MG A 11 7.37 -1.39 1.80
P 5MC A 14 5.78 8.74 -0.81
OP1 5MC A 14 5.93 9.98 -1.59
OP2 5MC A 14 6.98 8.04 -0.30
O5' 5MC A 14 4.83 9.07 0.46
C5' 5MC A 14 3.84 10.06 0.42
C4' 5MC A 14 3.04 10.04 1.73
O4' 5MC A 14 2.55 8.74 2.00
C3' 5MC A 14 3.86 10.44 2.96
O3' 5MC A 14 3.95 11.85 3.10
C2' 5MC A 14 2.99 9.83 4.05
O2' 5MC A 14 1.90 10.70 4.32
C1' 5MC A 14 2.46 8.56 3.40
N1 5MC A 14 3.25 7.38 3.84
C2 5MC A 14 2.82 6.68 4.97
O2 5MC A 14 1.93 7.12 5.69
N3 5MC A 14 3.43 5.50 5.27
C4 5MC A 14 4.40 5.00 4.51
N4 5MC A 14 4.93 3.83 4.85
C5 5MC A 14 4.95 5.77 3.42
C6 5MC A 14 4.34 6.95 3.14
CM5 5MC A 14 6.13 5.28 2.60
H5' 5MC A 14 3.16 9.88 -0.41
H5'' 5MC A 14 4.30 11.05 0.30
H4' 5MC A 14 2.19 10.73 1.64
H3' 5MC A 14 4.83 9.94 2.93
H2' 5MC A 14 3.55 9.63 4.96
HO2' 5MC A 14 2.24 11.60 4.30
H1' 5MC A 14 1.40 8.41 3.65
HN41 5MC A 14 4.56 3.32 5.65
HN42 5MC A 14 5.77 3.51 4.42
H6 5MC A 14 4.74 7.57 2.35
HM51 5MC A 14 7.04 5.37 3.21
HM52 5MC A 14 5.99 4.24 2.31
HM53 5MC A 14 6.25 5.88 1.71
N1 OMC A 6 -1.75 0.76 4.38
C2 OMC A 6 -0.72 0.21 3.62
N3 OMC A 6 0.26 -0.53 4.24
C4 OMC A 6 0.10 -0.88 5.54
C5 OMC A 6 -0.97 -0.34 6.33
C6 OMC A 6 -1.86 0.47 5.72
O2 OMC A 6 -0.72 0.36 2.41
N4 OMC A 6 1.05 -1.62 6.12
C1' OMC A 6 -2.58 1.78 3.71
C2' OMC A 6 -3.82 1.19 3.02
O2' OMC A 6 -3.90 1.58 1.64
CM2 OMC A 6 -3.98 2.98 1.40
C3' OMC A 6 -4.99 1.54 3.93
C4' OMC A 6 -4.46 2.80 4.59
O4' OMC A 6 -3.06 2.71 4.68
O3' OMC A 6 -6.24 1.80 3.28
C5' OMC A 6 -5.08 3.11 5.95
O5' OMC A 6 -4.75 2.07 6.86
P OMC A 6 -5.24 2.05 8.39
OP1 OMC A 6 -6.60 2.64 8.45
OP2 OMC A 6 -5.03 0.67 8.90
H5 OMC A 6 -1.06 -0.51 7.40
H6 OMC A 6 -2.68 0.93 6.26
HN41 OMC A 6 1.83 -1.95 5.58
HN42 OMC A 6 0.98 -1.84 7.10
H1' OMC A 6 -1.97 2.30 2.98
H2' OMC A 6 -3.75 0.12 3.02
HM21 OMC A 6 -3.28 3.58 1.98
HM22 OMC A 6 -5.00 3.33 1.58
HM23 OMC A 6 -3.75 3.13 0.34
H3' OMC A 6 -5.10 0.77 4.69
H4' OMC A 6 -4.64 3.60 3.90
H5' OMC A 6 -4.71 4.06 6.32
H5'' OMC A 6 -6.17 3.18 5.84
P OMG A 8 -8.73 -0.92 -2.79
OP1 OMG A 8 -9.43 0.33 -3.18
OP2 OMG A 8 -9.08 -1.59 -1.52
O5' OMG A 8 -8.92 -1.97 -4.01
C5' OMG A 8 -8.29 -3.24 -4.01
C4' OMG A 8 -8.63 -3.92 -5.35
O4' OMG A 8 -7.98 -3.08 -6.29
C3' OMG A 8 -8.04 -5.32 -5.47
O3' OMG A 8 -9.06 -6.29 -5.65
C2' OMG A 8 -7.26 -5.27 -6.79
O2' OMG A 8 -7.97 -5.88 -7.87
CM2 OMG A 8 -7.46 -7.17 -8.12
C1' OMG A 8 -7.10 -3.80 -7.13
N9 OMG A 8 -5.67 -3.40 -7.03
C8 OMG A 8 -4.67 -3.79 -6.16
N7 OMG A 8 -3.48 -3.39 -6.51
C5 OMG A 8 -3.68 -2.72 -7.71
C6 OMG A 8 -2.72 -2.18 -8.62
O6 OMG A 8 -1.49 -2.14 -8.51
N1 OMG A 8 -3.32 -1.67 -9.78
C2 OMG A 8 -4.68 -1.70 -10.03
N2 OMG A 8 -5.10 -1.20 -11.20
N3 OMG A 8 -5.57 -2.23 -9.17
C4 OMG A 8 -5.01 -2.73 -8.04
H5' OMG A 8 -8.69 -3.85 -3.20
H5'' OMG A 8 -7.21 -3.16 -3.89
H4' OMG A 8 -9.69 -3.95 -5.56
H3' OMG A 8 -7.37 -5.54 -4.65
H2' OMG A 8 -6.28 -5.72 -6.71
HM21 OMG A 8 -6.46 -7.07 -8.55
HM22 OMG A 8 -7.41 -7.73 -7.19
HM23 OMG A 8 -8.12 -7.68 -8.80
H1' OMG A 8 -7.44 -3.64 -8.14
H8 OMG A 8 -4.79 -4.44 -5.29
HN1 OMG A 8 -2.71 -1.27 -10.48
HN21 OMG A 8 -4.43 -0.81 -11.85
HN22 OMG A 8 -6.07 -1.21 -11.44
P 1MG A 11 3.71 -9.08 -2.90
OP1 1MG A 11 4.79 -9.85 -3.57
OP2 1MG A 11 3.11 -9.60 -1.65
O5' 1MG A 11 4.20 -7.59 -2.66
C5' 1MG A 11 5.55 -7.18 -2.76
C4' 1MG A 11 5.51 -5.69 -3.08
O4' 1MG A 11 4.63 -5.04 -2.19
C3' 1MG A 11 6.88 -5.03 -2.91
O3' 1MG A 11 6.83 -3.86 -3.72
C2' 1MG A 11 6.86 -4.79 -1.40
O2' 1MG A 11 7.64 -3.71 -0.93
C1' 1MG A 11 5.39 -4.51 -1.11
N9 1MG A 11 4.96 -5.04 0.20
C8 1MG A 11 4.21 -6.15 0.49
N7 1MG A 11 3.93 -6.28 1.76
C5 1MG A 11 4.54 -5.19 2.35
C6 1MG A 11 4.55 -4.78 3.73
O6 1MG A 11 4.03 -5.36 4.67
N1 1MG A 11 5.24 -3.57 3.91
CM1 1MG A 11 5.28 -2.97 5.26
C2 1MG A 11 5.91 -2.89 2.89
N2 1MG A 11 6.61 -1.79 3.18
N3 1MG A 11 5.89 -3.28 1.61
C4 1MG A 11 5.18 -4.43 1.41
H5' 1MG A 11 6.07 -7.69 -3.58
H5'' 1MG A 11 6.05 -7.40 -1.82
H4' 1MG A 11 5.14 -5.58 -4.10
H3' 1MG A 11 7.68 -5.70 -3.22
H2' 1MG A 11 7.18 -5.69 -0.88
HO2' 1MG A 11 7.41 -3.54 -0.02
H1' 1MG A 11 5.23 -3.44 -1.11
H8 1MG A 11 3.86 -6.85 -0.26
HM11 1MG A 11 4.86 -1.97 5.22
HM12 1MG A 11 6.30 -2.94 5.61
HM13 1MG A 11 4.68 -3.55 5.97
HN21 1MG A 11 6.66 -1.44 4.13
HN22 1MG A 11 7.07 -1.29 2.43
P 5MC A 14 6.03 8.59 -0.63
OP1 5MC A 14 6.32 9.82 -1.40
OP2 5MC A 14 7.16 7.82 -0.06
O5' 5MC A 14 5.04 8.98 0.58
C5' 5MC A 14 4.06 9.99 0.48
C4' 5MC A 14 3.23 10.06 1.77
O4' 5MC A 14 2.65 8.80 2.05
C3' 5MC A 14 4.04 10.44 3.01
O3' 5MC A 14 4.23 11.84 3.13
C2' 5MC A 14 3.13 9.89 4.11
O2' 5MC A 14 2.08 10.79 4.38
C1' 5MC A 14 2.54 8.64 3.45
N1 5MC A 14 3.25 7.41 3.92
C2 5MC A 14 2.74 6.71 5.02
O2 5MC A 14 1.86 7.19 5.73
N3 5MC A 14 3.26 5.49 5.30
C4 5MC A 14 4.27 4.96 4.58
N4 5MC A 14 4.70 3.73 4.87
C5 5MC A 14 4.90 5.74 3.54
C6 5MC A 14 4.36 6.94 3.25
CM5 5MC A 14 6.12 5.21 2.80
H5' 5MC A 14 3.39 9.77 -0.36
H5'' 5MC A 14 4.53 10.95 0.30
H4' 5MC A 14 2.43 10.79 1.64
H3' 5MC A 14 4.99 9.90 3.01
H2' 5MC A 14 3.67 9.65 5.01
HO2' 5MC A 14 1.52 10.41 5.07
H1' 5MC A 14 1.47 8.55 3.69
HN41 5MC A 14 4.28 3.21 5.63
HN42 5MC A 14 5.48 3.34 4.37
H6 5MC A 14 4.82 7.54 2.49
HM51 5MC A 14 6.90 4.97 3.51
HM52 5MC A 14 5.84 4.31 2.24
HM53 5MC A 14 6.48 5.95 2.09
N1 OMC A 6 -1.83 0.54 4.45
C2 OMC A 6 -0.81 0.16 3.60
N3 OMC A 6 0.20 -0.63 4.07
C4 OMC A 6 0.17 -1.07 5.34
C5 OMC A 6 -0.87 -0.66 6.25
C6 OMC A 6 -1.85 0.13 5.76
O2 OMC A 6 -0.84 0.53 2.43
N4 OMC A 6 1.15 -1.87 5.78
C1' OMC A 6 -2.87 1.45 3.91
C2' OMC A 6 -4.00 0.65 3.20
O2' OMC A 6 -4.33 1.01 1.85
CM2 OMC A 6 -3.98 2.32 1.45
C3' OMC A 6 -5.18 0.76 4.16
C4' OMC A 6 -4.85 2.06 4.89
O4' OMC A 6 -3.46 2.19 4.96
O3' OMC A 6 -6.45 0.92 3.54
C5' OMC A 6 -5.48 2.18 6.28
O5' OMC A 6 -4.97 1.13 7.09
P OMC A 6 -5.39 0.93 8.64
OP1 OMC A 6 -6.80 1.38 8.80
OP2 OMC A 6 -5.03 -0.46 9.02
H5 OMC A 6 -0.90 -0.94 7.30
H6 OMC A 6 -2.66 0.46 6.39
HN41 OMC A 6 1.88 -2.14 5.13
HN42 OMC A 6 1.15 -2.20 6.72
H1' OMC A 6 -2.38 2.17 3.25
H2' OMC A 6 -3.73 -0.39 3.17
HM21 OMC A 6 -2.92 2.36 1.19
HM22 OMC A 6 -4.21 3.07 2.21
HM23 OMC A 6 -4.55 2.57 0.56
H3' OMC A 6 -5.17 -0.08 4.86
H4' OMC A 6 -5.20 2.82 4.21
H5' OMC A 6 -5.22 3.15 6.71
H5'' OMC A 6 -6.56 2.10 6.20
P OMG A 8 -8.61 -1.72 -2.86
OP1 OMG A 8 -9.36 -0.51 -3.25
OP2 OMG A 8 -8.93 -2.40 -1.59
O5' OMG A 8 -8.74 -2.79 -4.06
C5' OMG A 8 -8.05 -4.02 -4.06
C4' OMG A 8 -8.19 -4.65 -5.45
O4' OMG A 8 -7.51 -3.69 -6.23
C3' OMG A 8 -7.44 -5.98 -5.58
O3' OMG A 8 -8.31 -7.08 -5.83
C2' OMG A 8 -6.65 -5.77 -6.87
O2' OMG A 8 -7.26 -6.42 -7.97
CM2 OMG A 8 -6.39 -7.40 -8.50
C1' OMG A 8 -6.67 -4.29 -7.19
N9 OMG A 8 -5.29 -3.73 -7.19
C8 OMG A 8 -4.20 -4.03 -6.39
N7 OMG A 8 -3.10 -3.46 -6.80
C5 OMG A 8 -3.46 -2.77 -7.96
C6 OMG A 8 -2.65 -2.04 -8.88
O6 OMG A 8 -1.44 -1.83 -8.83
N1 OMG A 8 -3.40 -1.55 -9.95
C2 OMG A 8 -4.75 -1.77 -10.13
N2 OMG A 8 -5.31 -1.24 -11.24
N3 OMG A 8 -5.49 -2.47 -9.27
C4 OMG A 8 -4.79 -2.95 -8.21
H5' OMG A 8 -8.49 -4.69 -3.30
H5'' OMG A 8 -6.98 -3.88 -3.83
H4' OMG A 8 -9.20 -4.79 -5.79
H3' OMG A 8 -6.78 -6.14 -4.72
H2' OMG A 8 -5.62 -6.10 -6.73
HM21 OMG A 8 -6.90 -7.91 -9.31
HM22 OMG A 8 -5.48 -6.92 -8.85
HM23 OMG A 8 -6.16 -8.11 -7.71
H1' OMG A 8 -7.13 -4.13 -8.16
H8 OMG A 8 -4.19 -4.70 -5.54
HN1 OMG A 8 -2.89 -1.02 -10.66
HN21 OMG A 8 -6.30 -1.37 -11.41
HN22 OMG A 8 -4.75 -0.71 -11.89
P 1MG A 11 4.91 -8.31 -3.33
OP1 1MG A 11 6.05 -8.92 -4.04
OP2 1MG A 11 4.39 -8.94 -2.09
O5' 1MG A 11 5.27 -6.78 -2.99
C5' 1MG A 11 6.35 -6.10 -3.60
C4' 1MG A 11 5.94 -4.63 -3.79
O4' 1MG A 11 5.30 -4.13 -2.63
C3' 1MG A 11 7.16 -3.75 -4.04
O3' 1MG A 11 6.72 -2.62 -4.78
C2' 1MG A 11 7.58 -3.44 -2.60
O2' 1MG A 11 8.21 -2.20 -2.42
C1' 1MG A 11 6.25 -3.47 -1.83
N9 1MG A 11 6.41 -4.11 -0.51
C8 1MG A 11 6.19 -5.40 -0.13
N7 1MG A 11 6.44 -5.64 1.13
C5 1MG A 11 6.85 -4.41 1.62
C6 1MG A 11 7.24 -4.04 2.94
O6 1MG A 11 7.31 -4.78 3.92
N1 1MG A 11 7.57 -2.67 3.05
CM1 1MG A 11 7.98 -2.15 4.36
C2 1MG A 11 7.53 -1.79 1.98
N2 1MG A 11 7.91 -0.52 2.17
N3 1MG A 11 7.17 -2.15 0.73
C4 1MG A 11 6.83 -3.47 0.63
H5' 1MG A 11 6.59 -6.51 -4.58
H5'' 1MG A 11 7.22 -6.18 -2.95
H4' 1MG A 11 5.25 -4.59 -4.64
H3' 1MG A 11 7.92 -4.30 -4.60
H2' 1MG A 11 8.24 -4.23 -2.24
HO2' 1MG A 11 8.34 -2.05 -1.48
H1' 1MG A 11 5.92 -2.46 -1.68
H8 1MG A 11 5.85 -6.17 -0.81
HM11 1MG A 11 7.34 -1.32 4.64
HM12 1MG A 11 9.02 -1.81 4.31
HM13 1MG A 11 7.90 -2.90 5.15
HN21 1MG A 11 8.24 -0.20 3.07
HN22 1MG A 11 7.90 0.11 1.38
P 5MC A 14 5.30 9.33 -0.05
OP1 5MC A 14 5.40 10.64 -0.74
OP2 5MC A 14 6.53 8.67 0.43
O5' 5MC A 14 4.31 9.51 1.21
C5' 5MC A 14 3.25 10.45 1.23
C4' 5MC A 14 2.47 10.32 2.55
O4' 5MC A 14 2.02 8.99 2.73
C3' 5MC A 14 3.29 10.64 3.81
O3' 5MC A 14 3.34 12.04 4.07
C2' 5MC A 14 2.45 9.92 4.85
O2' 5MC A 14 1.33 10.70 5.21
C1' 5MC A 14 1.97 8.68 4.11
N1 5MC A 14 2.81 7.50 4.44
C2 5MC A 14 2.42 6.67 5.51
O2 5MC A 14 1.49 7.01 6.25
N3 5MC A 14 3.09 5.51 5.70
C4 5MC A 14 4.09 5.13 4.91
N4 5MC A 14 4.70 3.95 5.12
C5 5MC A 14 4.59 6.02 3.88
C6 5MC A 14 3.92 7.17 3.70
CM5 5MC A 14 5.76 5.62 3.00
H5' 5MC A 14 2.57 10.28 0.40
H5'' 5MC A 14 3.65 11.47 1.16
H4' 5MC A 14 1.60 10.97 2.52
H3' 5MC A 14 4.28 10.19 3.73
H2' 5MC A 14 3.04 9.67 5.73
HO2' 5MC A 14 1.61 11.60 5.32
H1' 5MC A 14 0.92 8.47 4.36
HN41 5MC A 14 4.36 3.35 5.86
HN42 5MC A 14 5.51 3.69 4.60
H6 5MC A 14 4.28 7.87 2.96
HM51 5MC A 14 6.03 6.45 2.32
HM52 5MC A 14 6.63 5.39 3.62
HM53 5MC A 14 5.50 4.76 2.40
N1 OMC A 6 -1.61 0.58 5.14
C2 OMC A 6 -0.53 -0.01 4.49
N3 OMC A 6 0.39 -0.70 5.21
C4 OMC A 6 0.18 -0.96 6.51
C5 OMC A 6 -0.96 -0.39 7.20
C6 OMC A 6 -1.82 0.36 6.47
O2 OMC A 6 -0.45 0.09 3.27
N4 OMC A 6 1.08 -1.67 7.20
C1' OMC A 6 -2.48 1.48 4.34
C2' OMC A 6 -3.64 0.72 3.67
O2' OMC A 6 -3.83 0.87 2.27
CM2 OMC A 6 -3.40 2.10 1.72
C3' OMC A 6 -4.86 1.11 4.51
C4' OMC A 6 -4.42 2.46 5.06
O4' OMC A 6 -3.03 2.46 5.20
O3' OMC A 6 -6.06 1.29 3.77
C5' OMC A 6 -5.10 2.88 6.38
O5' OMC A 6 -4.73 1.95 7.40
P OMC A 6 -5.22 2.06 8.93
OP1 OMC A 6 -6.57 2.67 8.93
OP2 OMC A 6 -5.04 0.73 9.55
H5 OMC A 6 -1.13 -0.52 8.26
H6 OMC A 6 -2.68 0.80 6.93
HN41 OMC A 6 1.89 -2.03 6.72
HN42 OMC A 6 0.95 -1.83 8.19
H1' OMC A 6 -1.86 2.00 3.60
H2' OMC A 6 -3.51 -0.34 3.84
HM21 OMC A 6 -2.33 2.04 1.49
HM22 OMC A 6 -3.60 2.95 2.35
HM23 OMC A 6 -3.93 2.25 0.77
H3' OMC A 6 -5.00 0.41 5.33
H4' OMC A 6 -4.66 3.15 4.27
H5' OMC A 6 -4.78 3.88 6.65
H5'' OMC A 6 -6.19 2.87 6.25
P OMG A 8 -8.74 -1.88 -2.13
OP1 OMG A 8 -9.56 -0.65 -2.03
OP2 OMG A 8 -8.83 -2.92 -1.08
O5' OMG A 8 -9.03 -2.57 -3.55
C5' OMG A 8 -8.34 -3.74 -3.99
C4' OMG A 8 -8.72 -3.94 -5.46
O4' OMG A 8 -8.11 -2.82 -6.11
C3' OMG A 8 -8.18 -5.22 -6.10
O3' OMG A 8 -9.24 -6.01 -6.59
C2' OMG A 8 -7.38 -4.69 -7.31
O2' OMG A 8 -8.18 -4.69 -8.48
CM2 OMG A 8 -7.82 -5.74 -9.34
C1' OMG A 8 -7.09 -3.23 -7.00
N9 OMG A 8 -5.69 -3.02 -6.52
C8 OMG A 8 -4.82 -3.87 -5.86
N7 OMG A 8 -3.59 -3.46 -5.85
C5 OMG A 8 -3.60 -2.28 -6.58
C6 OMG A 8 -2.53 -1.42 -6.96
O6 OMG A 8 -1.33 -1.53 -6.67
N1 OMG A 8 -2.95 -0.36 -7.76
C2 OMG A 8 -4.26 -0.15 -8.15
N2 OMG A 8 -4.52 0.92 -8.91
N3 OMG A 8 -5.27 -0.97 -7.80
C4 OMG A 8 -4.88 -2.01 -7.02
H5' OMG A 8 -8.69 -4.59 -3.40
H5'' OMG A 8 -7.27 -3.63 -3.89
H4' OMG A 8 -9.80 -3.87 -5.59
H3' OMG A 8 -7.52 -5.73 -5.39
H2' OMG A 8 -6.45 -5.25 -7.46
HM21 OMG A 8 -6.79 -5.64 -9.66
HM22 OMG A 8 -7.94 -6.68 -8.82
HM23 OMG A 8 -8.48 -5.75 -10.21
H1' OMG A 8 -7.22 -2.64 -7.92
H8 OMG A 8 -5.07 -4.81 -5.43
HN1 OMG A 8 -2.25 0.29 -8.07
HN21 OMG A 8 -3.76 1.53 -9.18
HN22 OMG A 8 -5.46 1.11 -9.22
P 1MG A 11 0.92 -7.64 -2.65
OP1 1MG A 11 1.20 -8.56 -1.53
OP2 1MG A 11 -0.32 -6.83 -2.63
O5' 1MG A 11 2.18 -6.63 -2.78
C5' 1MG A 11 2.01 -5.22 -2.89
C4' 1MG A 11 3.31 -4.48 -2.61
O4' 1MG A 11 3.73 -4.75 -1.29
C3' 1MG A 11 4.44 -4.83 -3.60
O3' 1MG A 11 4.53 -3.76 -4.53
C2' 1MG A 11 5.66 -5.06 -2.69
O2' 1MG A 11 6.57 -3.99 -2.72
C1' 1MG A 11 5.08 -5.13 -1.26
N9 1MG A 11 5.17 -6.47 -0.61
C8 1MG A 11 5.10 -7.73 -1.17
N7 1MG A 11 5.15 -8.69 -0.29
C5 1MG A 11 5.23 -8.04 0.94
C6 1MG A 11 5.29 -8.57 2.26
O6 1MG A 11 5.24 -9.76 2.58
N1 1MG A 11 5.42 -7.56 3.23
CM1 1MG A 11 5.60 -7.97 4.64
C2 1MG A 11 5.35 -6.20 2.95
N2 1MG A 11 5.34 -5.31 3.96
N3 1MG A 11 5.27 -5.70 1.70
C4 1MG A 11 5.23 -6.68 0.75
H5' 1MG A 11 1.29 -4.89 -2.15
H5'' 1MG A 11 1.63 -4.96 -3.87
H4' 1MG A 11 3.11 -3.40 -2.67
H3' 1MG A 11 4.20 -5.77 -4.11
H2' 1MG A 11 6.19 -5.97 -2.98
HO2' 1MG A 11 6.30 -3.38 -3.41
H1' 1MG A 11 5.62 -4.43 -0.63
H8 1MG A 11 5.02 -7.91 -2.23
HM11 1MG A 11 4.68 -7.81 5.19
HM12 1MG A 11 6.41 -7.39 5.10
HM13 1MG A 11 5.89 -9.02 4.72
HN21 1MG A 11 5.35 -5.63 4.92
HN22 1MG A 11 5.29 -4.34 3.75
P 5MC A 14 6.11 8.25 -0.61
OP1 5MC A 14 6.26 9.43 -1.47
OP2 5MC A 14 7.32 7.65 0.00
O5' 5MC A 14 5.10 8.63 0.60
C5' 5MC A 14 4.12 9.65 0.50
C4' 5MC A 14 3.32 9.77 1.81
O4' 5MC A 14 2.80 8.50 2.19
C3' 5MC A 14 4.13 10.27 3.01
O3' 5MC A 14 4.23 11.69 3.03
C2' 5MC A 14 3.28 9.75 4.16
O2' 5MC A 14 2.19 10.61 4.43
C1' 5MC A 14 2.73 8.43 3.60
N1 5MC A 14 3.51 7.27 4.12
C2 5MC A 14 3.06 6.64 5.28
O2 5MC A 14 2.13 7.10 5.95
N3 5MC A 14 3.66 5.47 5.66
C4 5MC A 14 4.69 4.96 4.96
N4 5MC A 14 5.23 3.80 5.36
C5 5MC A 14 5.26 5.68 3.86
C6 5MC A 14 4.64 6.82 3.48
CM5 5MC A 14 6.47 5.16 3.11
H5' 5MC A 14 3.44 9.40 -0.32
H5'' 5MC A 14 4.59 10.60 0.29
H4' 5MC A 14 2.49 10.44 1.64
H3' 5MC A 14 5.11 9.80 3.01
H2' 5MC A 14 3.86 9.59 5.07
HO2' 5MC A 14 1.69 10.75 3.61
H1' 5MC A 14 1.68 8.32 3.86
HN41 5MC A 14 4.84 3.31 6.15
HN42 5MC A 14 6.07 3.44 4.92
H6 5MC A 14 5.04 7.39 2.66
HM51 5MC A 14 6.24 4.21 2.64
HM52 5MC A 14 6.77 5.87 2.33
HM53 5MC A 14 7.30 5.03 3.80
N1 OMC A 6 -2.06 1.44 4.10
C2 OMC A 6 -1.11 0.76 3.35
N3 OMC A 6 -0.26 -0.14 3.96
C4 OMC A 6 -0.44 -0.42 5.27
C5 OMC A 6 -1.41 0.28 6.06
C6 OMC A 6 -2.19 1.19 5.44
O2 OMC A 6 -1.03 0.95 2.14
N4 OMC A 6 0.37 -1.31 5.84
C1' OMC A 6 -2.87 2.46 3.40
C2' OMC A 6 -4.15 1.83 2.77
O2' OMC A 6 -4.45 2.13 1.40
CM2 OMC A 6 -3.82 3.27 0.85
C3' OMC A 6 -5.27 2.26 3.71
C4' OMC A 6 -4.70 3.56 4.26
O4' OMC A 6 -3.30 3.44 4.33
O3' OMC A 6 -6.52 2.54 3.10
C5' OMC A 6 -5.28 3.97 5.63
O5' OMC A 6 -5.02 2.95 6.56
P OMC A 6 -5.44 3.04 8.12
OP1 OMC A 6 -6.72 3.78 8.21
OP2 OMC A 6 -5.35 1.67 8.69
H5 OMC A 6 -1.54 0.13 7.13
H6 OMC A 6 -2.94 1.74 5.98
HN41 OMC A 6 1.08 -1.77 5.28
HN42 OMC A 6 0.27 -1.52 6.83
H1' OMC A 6 -2.25 2.95 2.66
H2' OMC A 6 -4.09 0.76 2.84
HM21 OMC A 6 -2.78 3.04 0.60
HM22 OMC A 6 -4.33 3.52 -0.08
HM23 OMC A 6 -3.87 4.14 1.51
H3' OMC A 6 -5.37 1.52 4.52
H4' OMC A 6 -4.92 4.28 3.51
H5' OMC A 6 -4.82 4.90 5.95
H5'' OMC A 6 -6.36 4.13 5.53
P OMG A 8 -9.35 -0.41 -3.20
OP1 OMG A 8 -10.04 0.79 -3.73
OP2 OMG A 8 -9.80 -1.00 -1.92
O5' OMG A 8 -9.42 -1.56 -4.34
C5' OMG A 8 -9.05 -2.90 -4.11
C4' OMG A 8 -8.96 -3.63 -5.47
O4' OMG A 8 -7.89 -2.91 -6.05
C3' OMG A 8 -8.50 -5.08 -5.34
O3' OMG A 8 -9.50 -6.01 -5.76
C2' OMG A 8 -7.40 -5.17 -6.40
O2' OMG A 8 -7.80 -5.88 -7.55
CM2 OMG A 8 -6.69 -6.31 -8.32
C1' OMG A 8 -7.08 -3.74 -6.84
N9 OMG A 8 -5.67 -3.34 -6.60
C8 OMG A 8 -4.81 -3.68 -5.57
N7 OMG A 8 -3.65 -3.08 -5.64
C5 OMG A 8 -3.74 -2.32 -6.81
C6 OMG A 8 -2.82 -1.38 -7.36
O6 OMG A 8 -1.78 -0.96 -6.87
N1 OMG A 8 -3.23 -0.90 -8.60
C2 OMG A 8 -4.43 -1.25 -9.22
N2 OMG A 8 -4.69 -0.68 -10.41
N3 OMG A 8 -5.33 -2.09 -8.66
C4 OMG A 8 -4.91 -2.59 -7.47
H5' OMG A 8 -9.80 -3.39 -3.49
H5'' OMG A 8 -8.09 -2.95 -3.61
H4' OMG A 8 -9.82 -3.60 -6.11
H3' OMG A 8 -8.12 -5.27 -4.34
H2' OMG A 8 -6.56 -5.64 -5.90
HM21 OMG A 8 -5.84 -5.63 -8.24
HM22 OMG A 8 -6.39 -7.30 -7.99
HM23 OMG A 8 -6.98 -6.40 -9.35
H1' OMG A 8 -7.36 -3.59 -7.89
H8 OMG A 8 -5.05 -4.37 -4.77
HN1 OMG A 8 -2.63 -0.23 -9.06
HN21 OMG A 8 -4.03 -0.04 -10.82
HN22 OMG A 8 -5.55 -0.90 -10.89
P 1MG A 11 2.85 -9.09 -1.24
OP1 1MG A 11 3.83 -10.15 -1.59
OP2 1MG A 11 2.05 -9.22 0.00
O5' 1MG A 11 3.63 -7.69 -1.18
C5' 1MG A 11 4.72 -7.39 -2.05
C4' 1MG A 11 4.58 -5.95 -2.55
O4' 1MG A 11 4.24 -5.07 -1.49
C3' 1MG A 11 5.92 -5.44 -3.10
O3' 1MG A 11 5.64 -4.41 -4.04
C2' 1MG A 11 6.59 -4.95 -1.82
O2' 1MG A 11 7.48 -3.86 -2.01
C1' 1MG A 11 5.42 -4.51 -0.95
N9 1MG A 11 5.62 -4.88 0.47
C8 1MG A 11 5.17 -5.97 1.16
N7 1MG A 11 5.50 -5.97 2.43
C5 1MG A 11 6.20 -4.78 2.59
C6 1MG A 11 6.78 -4.21 3.77
O6 1MG A 11 6.79 -4.71 4.90
N1 1MG A 11 7.38 -2.96 3.51
CM1 1MG A 11 8.02 -2.25 4.64
C2 1MG A 11 7.44 -2.36 2.26
N2 1MG A 11 8.11 -1.22 2.10
N3 1MG A 11 6.88 -2.92 1.16
C4 1MG A 11 6.28 -4.10 1.40
H5' 1MG A 11 4.74 -8.05 -2.91
H5'' 1MG A 11 5.64 -7.53 -1.47
H4' 1MG A 11 3.81 -5.93 -3.32
H3' 1MG A 11 6.47 -6.26 -3.58
H2' 1MG A 11 7.13 -5.77 -1.35
HO2' 1MG A 11 7.75 -3.54 -1.15
H1' 1MG A 11 5.32 -3.44 -1.00
H8 1MG A 11 4.60 -6.77 0.71
HM11 1MG A 11 7.81 -2.74 5.60
HM12 1MG A 11 7.62 -1.24 4.70
HM13 1MG A 11 9.09 -2.22 4.50
HN21 1MG A 11 8.58 -0.78 2.88
HN22 1MG A 11 8.17 -0.81 1.19
P 5MC A 14 6.49 8.14 -1.29
OP1 5MC A 14 6.80 9.33 -2.12
OP2 5MC A 14 7.60 7.37 -0.67
O5' 5MC A 14 5.50 8.61 -0.09
C5' 5MC A 14 4.56 9.66 -0.24
C4' 5MC A 14 3.74 9.81 1.05
O4' 5MC A 14 3.08 8.59 1.38
C3' 5MC A 14 4.54 10.20 2.29
O3' 5MC A 14 4.80 11.60 2.36
C2' 5MC A 14 3.59 9.75 3.39
O2' 5MC A 14 2.58 10.70 3.61
C1' 5MC A 14 2.97 8.48 2.79
N1 5MC A 14 3.67 7.27 3.31
C2 5MC A 14 3.20 6.66 4.48
O2 5MC A 14 2.34 7.20 5.15
N3 5MC A 14 3.73 5.46 4.84
C4 5MC A 14 4.69 4.86 4.11
N4 5MC A 14 5.15 3.67 4.51
C5 5MC A 14 5.26 5.52 2.97
C6 5MC A 14 4.74 6.71 2.63
CM5 5MC A 14 6.37 4.88 2.16
H5' 5MC A 14 3.88 9.44 -1.07
H5'' 5MC A 14 5.08 10.60 -0.44
H4' 5MC A 14 2.96 10.57 0.88
H3' 5MC A 14 5.47 9.60 2.32
H2' 5MC A 14 4.11 9.54 4.32
HO2' 5MC A 14 2.12 10.86 2.78
H1' 5MC A 14 1.92 8.43 3.03
HN41 5MC A 14 4.74 3.21 5.31
HN42 5MC A 14 5.97 3.27 4.07
H6 5MC A 14 5.17 7.25 1.80
HM51 5MC A 14 7.22 4.65 2.79
HM52 5MC A 14 5.99 3.97 1.70
HM53 5MC A 14 6.70 5.55 1.35
N1 OMC A 6 -1.52 0.63 4.88
C2 OMC A 6 -0.47 -0.02 4.23
N3 OMC A 6 0.46 -0.69 4.96
C4 OMC A 6 0.26 -0.90 6.28
C5 OMC A 6 -0.86 -0.29 6.97
C6 OMC A 6 -1.71 0.45 6.22
O2 OMC A 6 -0.41 0.03 3.01
N4 OMC A 6 1.18 -1.57 6.98
C1' OMC A 6 -2.33 1.59 4.08
C2' OMC A 6 -3.53 0.92 3.40
O2' OMC A 6 -3.55 1.13 1.99
CM2 OMC A 6 -3.72 2.47 1.57
C3' OMC A 6 -4.74 1.37 4.24
C4' OMC A 6 -4.22 2.69 4.79
O4' OMC A 6 -2.82 2.60 4.94
O3' OMC A 6 -6.00 1.56 3.59
C5' OMC A 6 -4.87 3.12 6.12
O5' OMC A 6 -4.60 2.13 7.09
P OMC A 6 -5.10 2.20 8.62
OP1 OMC A 6 -6.41 2.90 8.65
OP2 OMC A 6 -4.99 0.85 9.20
H5 OMC A 6 -1.02 -0.38 8.03
H6 OMC A 6 -2.57 0.92 6.65
HN41 OMC A 6 1.98 -1.95 6.52
HN42 OMC A 6 1.06 -1.69 7.97
H1' OMC A 6 -1.69 2.06 3.34
H2' OMC A 6 -3.47 -0.15 3.54
HM21 OMC A 6 -4.74 2.81 1.77
HM22 OMC A 6 -3.57 2.46 0.48
HM23 OMC A 6 -2.99 3.15 2.01
H3' OMC A 6 -4.86 0.67 5.07
H4' OMC A 6 -4.38 3.42 4.02
H5' OMC A 6 -4.46 4.07 6.44
H5'' OMC A 6 -5.95 3.21 5.98
P OMG A 8 -8.86 -1.54 -2.01
OP1 OMG A 8 -9.64 -0.30 -1.84
OP2 OMG A 8 -8.96 -2.62 -0.99
O5' OMG A 8 -9.23 -2.17 -3.45
C5' OMG A 8 -8.61 -3.36 -3.94
C4' OMG A 8 -9.07 -3.50 -5.39
O4' OMG A 8 -8.43 -2.43 -6.07
C3' OMG A 8 -8.66 -4.80 -6.07
O3' OMG A 8 -9.81 -5.51 -6.52
C2' OMG A 8 -7.88 -4.34 -7.32
O2' OMG A 8 -8.72 -4.28 -8.47
CM2 OMG A 8 -8.55 -5.44 -9.27
C1' OMG A 8 -7.48 -2.90 -7.00
N9 OMG A 8 -6.05 -2.79 -6.58
C8 OMG A 8 -5.23 -3.68 -5.92
N7 OMG A 8 -3.97 -3.38 -5.95
C5 OMG A 8 -3.91 -2.23 -6.73
C6 OMG A 8 -2.78 -1.49 -7.18
O6 OMG A 8 -1.59 -1.71 -6.97
N1 OMG A 8 -3.15 -0.41 -8.01
C2 OMG A 8 -4.44 -0.09 -8.33
N2 OMG A 8 -4.64 0.98 -9.11
N3 OMG A 8 -5.51 -0.80 -7.91
C4 OMG A 8 -5.18 -1.86 -7.13
H5' OMG A 8 -8.96 -4.21 -3.36
H5'' OMG A 8 -7.53 -3.30 -3.89
H4' OMG A 8 -10.16 -3.35 -5.46
H3' OMG A 8 -8.01 -5.39 -5.41
H2' OMG A 8 -6.99 -4.94 -7.51
HM21 OMG A 8 -7.55 -5.46 -9.69
HM22 OMG A 8 -8.70 -6.32 -8.66
HM23 OMG A 8 -9.30 -5.44 -10.06
H1' OMG A 8 -7.62 -2.31 -7.90
H8 OMG A 8 -5.55 -4.59 -5.43
HN1 OMG A 8 -2.40 0.15 -8.37
HN21 OMG A 8 -3.84 1.52 -9.42
HN22 OMG A 8 -5.57 1.28 -9.36
P 1MG A 11 0.19 -7.58 -2.96
OP1 1MG A 11 0.46 -8.39 -1.75
OP2 1MG A 11 -0.96 -6.65 -2.98
O5' 1MG A 11 1.54 -6.75 -3.30
C5' 1MG A 11 1.57 -5.33 -3.28
C4' 1MG A 11 2.93 -4.82 -2.76
O4' 1MG A 11 3.20 -5.47 -1.54
C3' 1MG A 11 4.12 -5.08 -3.67
O3' 1MG A 11 4.28 -3.98 -4.56
C2' 1MG A 11 5.27 -5.30 -2.66
O2' 1MG A 11 6.19 -4.24 -2.61
C1' 1MG A 11 4.57 -5.41 -1.30
N9 1MG A 11 5.00 -6.59 -0.52
C8 1MG A 11 4.39 -7.82 -0.45
N7 1MG A 11 4.96 -8.64 0.38
C5 1MG A 11 6.03 -7.91 0.89
C6 1MG A 11 7.01 -8.29 1.86
O6 1MG A 11 7.10 -9.38 2.43
N1 1MG A 11 7.93 -7.26 2.12
CM1 1MG A 11 8.98 -7.50 3.12
C2 1MG A 11 7.91 -6.03 1.46
N2 1MG A 11 8.91 -5.15 1.70
N3 1MG A 11 6.99 -5.69 0.57
C4 1MG A 11 6.07 -6.66 0.33
H5' 1MG A 11 0.83 -4.95 -2.58
H5'' 1MG A 11 1.36 -4.92 -4.26
H4' 1MG A 11 2.86 -3.75 -2.56
H3' 1MG A 11 3.95 -6.01 -4.22
H2' 1MG A 11 5.80 -6.23 -2.91
HO2' 1MG A 11 6.39 -3.96 -3.50
H1' 1MG A 11 4.77 -4.50 -0.71
H8 1MG A 11 3.51 -8.09 -1.02
HM11 1MG A 11 9.94 -7.62 2.62
HM12 1MG A 11 8.77 -8.37 3.73
HM13 1MG A 11 9.04 -6.64 3.81
HN21 1MG A 11 9.66 -5.38 2.32
HN22 1MG A 11 8.91 -4.28 1.19
P 5MC A 14 6.06 7.93 -1.13
OP1 5MC A 14 6.30 9.09 -2.03
OP2 5MC A 14 7.23 7.27 -0.49
O5' 5MC A 14 5.06 8.40 0.04
C5' 5MC A 14 3.99 9.30 -0.18
C4' 5MC A 14 3.15 9.47 1.10
O4' 5MC A 14 2.67 8.22 1.56
C3' 5MC A 14 3.87 10.13 2.28
O3' 5MC A 14 3.84 11.54 2.14
C2' 5MC A 14 3.00 9.65 3.43
O2' 5MC A 14 1.86 10.48 3.57
C1' 5MC A 14 2.55 8.26 2.98
N1 5MC A 14 3.39 7.17 3.59
C2 5MC A 14 2.92 6.56 4.74
O2 5MC A 14 1.98 7.01 5.38
N3 5MC A 14 3.55 5.41 5.16
C4 5MC A 14 4.58 4.89 4.49
N4 5MC A 14 5.10 3.72 4.89
C5 5MC A 14 5.16 5.59 3.37
C6 5MC A 14 4.54 6.73 2.97
CM5 5MC A 14 6.42 5.10 2.69
H5' 5MC A 14 3.35 8.91 -0.97
H5'' 5MC A 14 4.38 10.28 -0.48
H4' 5MC A 14 2.27 10.08 0.85
H3' 5MC A 14 4.88 9.72 2.38
H2' 5MC A 14 3.53 9.62 4.38
HO2' 5MC A 14 2.17 11.37 3.76
H1' 5MC A 14 1.50 8.10 3.22
HN41 5MC A 14 4.72 3.25 5.69
HN42 5MC A 14 5.89 3.32 4.40
H6 5MC A 14 4.95 7.29 2.15
HM51 5MC A 14 7.22 5.00 3.43
HM52 5MC A 14 6.75 5.80 1.92
HM53 5MC A 14 6.23 4.13 2.24
N1 OMC A 6 -1.81 1.31 3.94
C2 OMC A 6 -0.80 0.59 3.33
N3 OMC A 6 0.02 -0.19 4.10
C4 OMC A 6 -0.26 -0.38 5.41
C5 OMC A 6 -1.33 0.34 6.05
C6 OMC A 6 -2.07 1.17 5.28
O2 OMC A 6 -0.67 0.63 2.12
N4 OMC A 6 0.53 -1.17 6.13
C1' OMC A 6 -2.50 2.34 3.12
C2' OMC A 6 -3.75 1.81 2.40
O2' OMC A 6 -3.70 2.03 0.99
CM2 OMC A 6 -3.62 3.39 0.58
C3' OMC A 6 -4.92 2.38 3.18
C4' OMC A 6 -4.28 3.65 3.75
O4' OMC A 6 -2.92 3.41 3.96
O3' OMC A 6 -6.11 2.72 2.47
C5' OMC A 6 -4.97 4.17 5.01
O5' OMC A 6 -4.84 3.20 6.03
P OMC A 6 -5.51 3.36 7.50
OP1 OMC A 6 -6.79 4.10 7.35
OP2 OMC A 6 -5.53 2.02 8.13
H5 OMC A 6 -1.53 0.29 7.12
H6 OMC A 6 -2.88 1.74 5.70
HN41 OMC A 6 1.31 -1.64 5.70
HN42 OMC A 6 0.36 -1.30 7.12
H1' OMC A 6 -1.79 2.72 2.39
H2' OMC A 6 -3.80 0.74 2.53
HM21 OMC A 6 -2.87 3.96 1.10
HM22 OMC A 6 -4.59 3.88 0.68
HM23 OMC A 6 -3.35 3.38 -0.47
H3' OMC A 6 -5.15 1.72 4.02
H4' OMC A 6 -4.33 4.38 2.97
H5' OMC A 6 -4.52 5.11 5.32
H5'' OMC A 6 -6.03 4.33 4.79
P OMG A 8 -8.94 -0.56 -3.23
OP1 OMG A 8 -9.59 0.69 -3.69
OP2 OMG A 8 -9.34 -1.16 -1.94
O5' OMG A 8 -9.14 -1.67 -4.39
C5' OMG A 8 -8.88 -3.05 -4.20
C4' OMG A 8 -8.85 -3.73 -5.57
O4' OMG A 8 -7.68 -3.15 -6.11
C3' OMG A 8 -8.63 -5.24 -5.49
O3' OMG A 8 -9.73 -5.97 -6.00
C2' OMG A 8 -7.49 -5.43 -6.49
O2' OMG A 8 -7.93 -6.13 -7.66
CM2 OMG A 8 -6.91 -6.89 -8.24
C1' OMG A 8 -7.07 -4.05 -6.97
N9 OMG A 8 -5.61 -3.84 -6.94
C8 OMG A 8 -4.69 -4.17 -5.97
N7 OMG A 8 -3.47 -3.80 -6.24
C5 OMG A 8 -3.57 -3.19 -7.48
C6 OMG A 8 -2.57 -2.55 -8.29
O6 OMG A 8 -1.38 -2.40 -8.03
N1 OMG A 8 -3.09 -2.05 -9.48
C2 OMG A 8 -4.41 -2.16 -9.86
N2 OMG A 8 -4.75 -1.61 -11.04
N3 OMG A 8 -5.35 -2.75 -9.11
C4 OMG A 8 -4.86 -3.25 -7.94
H5' OMG A 8 -9.68 -3.48 -3.59
H5'' OMG A 8 -7.92 -3.19 -3.70
H4' OMG A 8 -9.68 -3.58 -6.25
H3' OMG A 8 -8.35 -5.55 -4.47
H2' OMG A 8 -6.71 -5.93 -5.94
HM21 OMG A 8 -5.96 -6.34 -8.21
HM22 OMG A 8 -6.85 -7.83 -7.70
HM23 OMG A 8 -7.17 -7.09 -9.27
H1' OMG A 8 -7.47 -3.86 -7.98
H8 OMG A 8 -4.94 -4.70 -5.06
HN1 OMG A 8 -2.45 -1.57 -10.09
HN21 OMG A 8 -4.06 -1.15 -11.61
HN22 OMG A 8 -5.71 -1.68 -11.37
P 1MG A 11 3.15 -9.59 -2.38
OP1 1MG A 11 4.17 -10.40 -3.09
OP2 1MG A 11 2.44 -10.15 -1.21
O5' 1MG A 11 3.79 -8.18 -1.97
C5' 1MG A 11 5.18 -7.93 -1.95
C4' 1MG A 11 5.36 -6.45 -2.32
O4' 1MG A 11 4.47 -5.64 -1.58
C3' 1MG A 11 6.76 -5.93 -2.00
O3' 1MG A 11 6.96 -4.81 -2.85
C2' 1MG A 11 6.58 -5.60 -0.51
O2' 1MG A 11 7.44 -4.61 0.00
C1' 1MG A 11 5.13 -5.13 -0.45
N9 1MG A 11 4.44 -5.47 0.81
C8 1MG A 11 3.56 -6.48 1.07
N7 1MG A 11 3.07 -6.48 2.28
C5 1MG A 11 3.68 -5.39 2.88
C6 1MG A 11 3.55 -4.89 4.21
O6 1MG A 11 2.85 -5.36 5.10
N1 1MG A 11 4.33 -3.74 4.44
CM1 1MG A 11 4.30 -3.11 5.77
C2 1MG A 11 5.17 -3.18 3.48
N2 1MG A 11 5.96 -2.15 3.82
N3 1MG A 11 5.28 -3.65 2.22
C4 1MG A 11 4.51 -4.75 1.99
H5' 1MG A 11 5.72 -8.52 -2.69
H5'' 1MG A 11 5.57 -8.15 -0.96
H4' 1MG A 11 5.14 -6.34 -3.39
H3' 1MG A 11 7.52 -6.70 -2.18
H2' 1MG A 11 6.70 -6.52 0.08
HO2' 1MG A 11 8.30 -4.70 -0.41
H1' 1MG A 11 5.14 -4.05 -0.55
H8 1MG A 11 3.27 -7.21 0.32
HM11 1MG A 11 5.25 -3.27 6.27
HM12 1MG A 11 3.50 -3.52 6.39
HM13 1MG A 11 4.10 -2.04 5.67
HN21 1MG A 11 5.95 -1.76 4.74
HN22 1MG A 11 6.55 -1.74 3.11
P 5MC A 14 6.90 8.01 -1.10
OP1 5MC A 14 7.28 9.14 -1.97
OP2 5MC A 14 7.94 7.26 -0.37
O5' 5MC A 14 5.84 8.56 -0.01
C5' 5MC A 14 4.97 9.66 -0.26
C4' 5MC A 14 4.06 9.89 0.96
O4' 5MC A 14 3.37 8.70 1.29
C3' 5MC A 14 4.79 10.34 2.23
O3' 5MC A 14 5.04 11.74 2.26
C2' 5MC A 14 3.76 9.93 3.28
O2' 5MC A 14 2.76 10.91 3.43
C1' 5MC A 14 3.13 8.66 2.68
N1 5MC A 14 3.72 7.45 3.31
C2 5MC A 14 3.08 6.90 4.42
O2 5MC A 14 2.16 7.49 5.00
N3 5MC A 14 3.49 5.68 4.86
C4 5MC A 14 4.51 5.02 4.28
N4 5MC A 14 4.83 3.80 4.72
C5 5MC A 14 5.29 5.65 3.25
C6 5MC A 14 4.85 6.86 2.80
CM5 5MC A 14 6.51 4.99 2.66
H5' 5MC A 14 4.36 9.45 -1.13
H5'' 5MC A 14 5.56 10.57 -0.44
H4' 5MC A 14 3.31 10.66 0.70
H3' 5MC A 14 5.70 9.75 2.35
H2' 5MC A 14 4.23 9.73 4.24
HO2' 5MC A 14 2.36 11.07 2.57
H1' 5MC A 14 2.05 8.68 2.83
HN41 5MC A 14 4.31 3.39 5.48
HN42 5MC A 14 5.62 3.32 4.35
H6 5MC A 14 5.40 7.36 2.03
HM51 5MC A 14 6.24 4.06 2.18
HM52 5MC A 14 7.00 5.64 1.93
HM53 5MC A 14 7.23 4.78 3.46
N1 OMC A 6 -2.16 0.31 4.24
C2 OMC A 6 -1.12 -0.08 3.40
N3 OMC A 6 -0.13 -0.89 3.91
C4 OMC A 6 -0.23 -1.36 5.16
C5 OMC A 6 -1.24 -0.88 6.08
C6 OMC A 6 -2.19 -0.06 5.56
O2 OMC A 6 -1.11 0.27 2.24
N4 OMC A 6 0.69 -2.25 5.61
C1' OMC A 6 -3.12 1.32 3.69
C2' OMC A 6 -4.30 0.68 2.92
O2' OMC A 6 -4.50 1.09 1.57
CM2 OMC A 6 -4.14 2.44 1.29
C3' OMC A 6 -5.52 0.90 3.82
C4' OMC A 6 -5.04 2.06 4.68
O4' OMC A 6 -3.64 2.08 4.74
O3' OMC A 6 -6.70 1.38 3.18
C5' OMC A 6 -5.66 1.95 6.08
O5' OMC A 6 -5.50 3.13 6.86
P OMC A 6 -5.95 3.14 8.43
OP1 OMC A 6 -6.96 4.21 8.57
OP2 OMC A 6 -6.29 1.76 8.83
H5 OMC A 6 -1.24 -1.08 7.14
H6 OMC A 6 -2.98 0.32 6.18
HN41 OMC A 6 1.40 -2.59 4.99
HN42 OMC A 6 0.62 -2.60 6.55
H1' OMC A 6 -2.55 2.00 3.06
H2' OMC A 6 -4.18 -0.39 2.90
HM21 OMC A 6 -4.71 2.77 0.42
HM22 OMC A 6 -3.08 2.49 1.04
HM23 OMC A 6 -4.37 3.11 2.12
H3' OMC A 6 -5.72 0.02 4.42
H4' OMC A 6 -5.35 2.92 4.12
H5' OMC A 6 -6.73 1.77 5.96
H5'' OMC A 6 -5.22 1.09 6.59
P OMG A 8 -9.38 -1.35 -3.24
OP1 OMG A 8 -10.28 -0.19 -3.39
OP2 OMG A 8 -9.61 -2.31 -2.14
O5' OMG A 8 -9.41 -2.18 -4.64
C5' OMG A 8 -8.97 -3.52 -4.75
C4' OMG A 8 -8.74 -3.86 -6.23
O4' OMG A 8 -7.69 -2.97 -6.52
C3' OMG A 8 -8.24 -5.28 -6.47
O3' OMG A 8 -9.17 -6.02 -7.25
C2' OMG A 8 -7.03 -5.02 -7.38
O2' OMG A 8 -7.26 -5.48 -8.70
CM2 OMG A 8 -6.07 -5.93 -9.29
C1' OMG A 8 -6.85 -3.51 -7.49
N9 OMG A 8 -5.48 -3.05 -7.16
C8 OMG A 8 -4.61 -3.47 -6.20
N7 OMG A 8 -3.56 -2.71 -6.07
C5 OMG A 8 -3.72 -1.75 -7.07
C6 OMG A 8 -2.94 -0.59 -7.37
O6 OMG A 8 -2.02 -0.11 -6.72
N1 OMG A 8 -3.36 0.03 -8.55
C2 OMG A 8 -4.46 -0.35 -9.29
N2 OMG A 8 -4.73 0.37 -10.39
N3 OMG A 8 -5.25 -1.38 -8.94
C4 OMG A 8 -4.82 -2.05 -7.83
H5' OMG A 8 -9.73 -4.19 -4.34
H5'' OMG A 8 -8.03 -3.67 -4.20
H4' OMG A 8 -9.56 -3.70 -6.93
H3' OMG A 8 -7.98 -5.78 -5.54
H2' OMG A 8 -6.20 -5.51 -6.88
HM21 OMG A 8 -6.18 -5.93 -10.36
HM22 OMG A 8 -5.23 -5.28 -9.01
HM23 OMG A 8 -5.90 -6.95 -8.95
H1' OMG A 8 -7.18 -3.15 -8.48
H8 OMG A 8 -4.77 -4.35 -5.56
HN1 OMG A 8 -2.82 0.84 -8.85
HN21 OMG A 8 -4.13 1.15 -10.64
HN22 OMG A 8 -5.52 0.14 -10.96
P 1MG A 11 4.00 -8.60 -2.68
OP1 1MG A 11 5.07 -9.47 -3.22
OP2 1MG A 11 3.32 -8.97 -1.43
O5' 1MG A 11 4.57 -7.11 -2.52
C5' 1MG A 11 5.75 -6.68 -3.17
C4' 1MG A 11 5.57 -5.20 -3.50
O4' 1MG A 11 5.00 -4.49 -2.42
C3' 1MG A 11 6.92 -4.53 -3.78
O3' 1MG A 11 6.59 -3.40 -4.57
C2' 1MG A 11 7.36 -4.19 -2.35
O2' 1MG A 11 8.24 -3.08 -2.27
C1' 1MG A 11 6.03 -3.89 -1.64
N9 1MG A 11 5.97 -4.34 -0.23
C8 1MG A 11 5.29 -5.40 0.31
N7 1MG A 11 5.35 -5.47 1.62
C5 1MG A 11 6.12 -4.36 1.98
C6 1MG A 11 6.52 -3.91 3.26
O6 1MG A 11 6.27 -4.45 4.34
N1 1MG A 11 7.26 -2.71 3.21
CM1 1MG A 11 7.69 -2.10 4.46
C2 1MG A 11 7.64 -2.09 2.01
N2 1MG A 11 8.44 -1.02 2.05
N3 1MG A 11 7.26 -2.54 0.80
C4 1MG A 11 6.50 -3.68 0.85
H5' 1MG A 11 5.92 -7.21 -4.11
H5'' 1MG A 11 6.59 -6.86 -2.50
H4' 1MG A 11 4.92 -5.12 -4.36
H3' 1MG A 11 7.61 -5.19 -4.29
H2' 1MG A 11 7.84 -5.05 -1.90
HO2' 1MG A 11 8.78 -3.05 -3.06
H1' 1MG A 11 5.87 -2.82 -1.66
H8 1MG A 11 4.74 -6.12 -0.26
HM11 1MG A 11 8.75 -2.25 4.60
HM12 1MG A 11 7.16 -2.51 5.32
HM13 1MG A 11 7.47 -1.02 4.45
HN21 1MG A 11 8.80 -0.67 2.92
HN22 1MG A 11 8.72 -0.60 1.18
P 5MC A 14 5.71 9.04 -0.67
OP1 5MC A 14 5.77 10.34 -1.36
OP2 5MC A 14 6.96 8.42 -0.18
O5' 5MC A 14 4.73 9.20 0.61
C5' 5MC A 14 3.79 10.27 0.72
C4' 5MC A 14 2.99 10.20 2.04
O4' 5MC A 14 2.48 8.90 2.25
C3' 5MC A 14 3.78 10.54 3.31
O3' 5MC A 14 3.86 11.95 3.52
C2' 5MC A 14 2.91 9.88 4.37
O2' 5MC A 14 1.83 10.71 4.73
C1' 5MC A 14 2.36 8.66 3.64
N1 5MC A 14 3.13 7.45 4.04
C2 5MC A 14 2.66 6.72 5.15
O2 5MC A 14 1.80 7.18 5.89
N3 5MC A 14 3.20 5.49 5.36
C4 5MC A 14 4.16 4.99 4.58
N4 5MC A 14 4.60 3.75 4.83
C5 5MC A 14 4.75 5.80 3.54
C6 5MC A 14 4.21 7.01 3.33
CM5 5MC A 14 5.89 5.27 2.68
H5' 5MC A 14 3.08 10.22 -0.11
H5'' 5MC A 14 4.30 11.23 0.68
H4' 5MC A 14 2.14 10.89 1.98
H3' 5MC A 14 4.76 10.04 3.27
H2' 5MC A 14 3.48 9.61 5.26
HO2' 5MC A 14 1.30 10.25 5.38
H1' 5MC A 14 1.30 8.53 3.87
HN41 5MC A 14 4.18 3.21 5.57
HN42 5MC A 14 5.40 3.38 4.33
H6 5MC A 14 4.63 7.67 2.57
HM51 5MC A 14 6.74 5.00 3.31
HM52 5MC A 14 5.55 4.39 2.13
HM53 5MC A 14 6.21 6.03 1.96
N1 OMC A 6 -1.72 0.42 4.47
C2 OMC A 6 -0.74 -0.08 3.61
N3 OMC A 6 0.25 -0.87 4.12
C4 OMC A 6 0.18 -1.29 5.40
C5 OMC A 6 -0.81 -0.76 6.31
C6 OMC A 6 -1.73 0.08 5.79
O2 OMC A 6 -0.81 0.18 2.42
N4 OMC A 6 1.12 -2.13 5.85
C1' OMC A 6 -2.67 1.42 3.91
C2' OMC A 6 -3.92 0.78 3.27
O2' OMC A 6 -4.07 1.13 1.90
CM2 OMC A 6 -4.16 2.52 1.63
C3' OMC A 6 -5.06 1.08 4.24
C4' OMC A 6 -4.52 2.32 4.94
O4' OMC A 6 -3.12 2.28 4.94
O3' OMC A 6 -6.35 1.39 3.69
C5' OMC A 6 -5.07 2.50 6.36
O5' OMC A 6 -4.64 1.43 7.17
P OMC A 6 -5.11 1.20 8.70
OP1 OMC A 6 -6.47 1.76 8.85
OP2 OMC A 6 -4.88 -0.23 9.02
H5 OMC A 6 -0.81 -0.96 7.38
H6 OMC A 6 -2.49 0.53 6.42
HN41 OMC A 6 1.83 -2.49 5.23
HN42 OMC A 6 1.10 -2.43 6.82
H1' OMC A 6 -2.14 1.99 3.16
H2' OMC A 6 -3.81 -0.29 3.30
HM21 OMC A 6 -3.65 2.68 0.68
HM22 OMC A 6 -3.69 3.16 2.36
HM23 OMC A 6 -5.21 2.79 1.52
H3' OMC A 6 -5.14 0.28 4.97
H4' OMC A 6 -4.80 3.13 4.31
H5' OMC A 6 -4.71 3.46 6.77
H5'' OMC A 6 -6.16 2.52 6.31
P OMG A 8 -9.66 -1.70 -2.00
OP1 OMG A 8 -10.62 -0.63 -2.34
OP2 OMG A 8 -9.80 -2.42 -0.72
O5' OMG A 8 -9.71 -2.79 -3.21
C5' OMG A 8 -9.08 -4.06 -3.12
C4' OMG A 8 -9.23 -4.77 -4.47
O4' OMG A 8 -8.47 -3.92 -5.29
C3' OMG A 8 -8.56 -6.14 -4.50
O3' OMG A 8 -9.48 -7.21 -4.65
C2' OMG A 8 -7.76 -6.08 -5.81
O2' OMG A 8 -8.36 -6.85 -6.84
CM2 OMG A 8 -7.46 -7.11 -7.90
C1' OMG A 8 -7.78 -4.63 -6.27
N9 OMG A 8 -6.42 -4.05 -6.41
C8 OMG A 8 -5.28 -4.29 -5.68
N7 OMG A 8 -4.24 -3.63 -6.10
C5 OMG A 8 -4.70 -2.92 -7.20
C6 OMG A 8 -4.04 -2.00 -8.06
O6 OMG A 8 -2.88 -1.60 -7.98
N1 OMG A 8 -4.86 -1.53 -9.09
C2 OMG A 8 -6.17 -1.91 -9.27
N2 OMG A 8 -6.83 -1.37 -10.30
N3 OMG A 8 -6.80 -2.78 -8.45
C4 OMG A 8 -6.02 -3.25 -7.45
H5' OMG A 8 -9.57 -4.65 -2.34
H5'' OMG A 8 -8.02 -3.94 -2.87
H4' OMG A 8 -10.24 -4.88 -4.86
H3' OMG A 8 -7.90 -6.25 -3.63
H2' OMG A 8 -6.78 -6.44 -5.55
HM21 OMG A 8 -6.98 -8.06 -7.74
HM22 OMG A 8 -8.02 -7.17 -8.83
HM23 OMG A 8 -6.70 -6.33 -7.99
H1' OMG A 8 -8.34 -4.53 -7.20
H8 OMG A 8 -5.21 -4.98 -4.85
HN1 OMG A 8 -4.46 -0.86 -9.73
HN21 OMG A 8 -6.37 -0.70 -10.91
HN22 OMG A 8 -7.80 -1.62 -10.47
P 1MG A 11 4.04 -8.65 -4.45
OP1 1MG A 11 5.05 -9.03 -5.45
OP2 1MG A 11 3.66 -9.60 -3.37
O5' 1MG A 11 4.47 -7.26 -3.77
C5' 1MG A 11 5.78 -6.74 -3.79
C4' 1MG A 11 5.65 -5.23 -3.96
O4' 1MG A 11 4.71 -4.72 -3.04
C3' 1MG A 11 6.96 -4.47 -3.70
O3' 1MG A 11 6.84 -3.24 -4.39
C2' 1MG A 11 6.88 -4.36 -2.16
O2' 1MG A 11 7.57 -3.26 -1.58
C1' 1MG A 11 5.38 -4.23 -1.90
N9 1MG A 11 4.94 -4.91 -0.66
C8 1MG A 11 4.31 -6.12 -0.50
N7 1MG A 11 4.01 -6.42 0.72
C5 1MG A 11 4.47 -5.33 1.46
C6 1MG A 11 4.43 -5.08 2.87
O6 1MG A 11 3.96 -5.83 3.72
N1 1MG A 11 5.00 -3.84 3.21
CM1 1MG A 11 5.03 -3.45 4.62
C2 1MG A 11 5.58 -2.97 2.29
N2 1MG A 11 6.19 -1.86 2.72
N3 1MG A 11 5.60 -3.21 0.97
C4 1MG A 11 5.04 -4.40 0.61
H5' 1MG A 11 6.38 -7.13 -4.61
H5'' 1MG A 11 6.28 -7.00 -2.85
H4' 1MG A 11 5.30 -5.04 -4.97
H3' 1MG A 11 7.82 -5.04 -4.03
H2' 1MG A 11 7.26 -5.28 -1.71
HO2' 1MG A 11 8.38 -3.11 -2.09
H1' 1MG A 11 5.14 -3.18 -1.82
H8 1MG A 11 4.06 -6.76 -1.34
HM11 1MG A 11 4.59 -2.46 4.75
HM12 1MG A 11 6.05 -3.44 4.98
HM13 1MG A 11 4.45 -4.14 5.24
HN21 1MG A 11 6.25 -1.65 3.71
HN22 1MG A 11 6.61 -1.24 2.05
P 5MC A 14 4.93 9.20 -0.63
OP1 5MC A 14 4.91 10.48 -1.36
OP2 5MC A 14 6.23 8.62 -0.23
O5' 5MC A 14 4.05 9.39 0.72
C5' 5MC A 14 3.03 10.37 0.86
C4' 5MC A 14 2.35 10.26 2.23
O4' 5MC A 14 1.93 8.93 2.46
C3' 5MC A 14 3.22 10.65 3.44
O3' 5MC A 14 3.22 12.05 3.67
C2' 5MC A 14 2.46 9.92 4.55
O2' 5MC A 14 1.34 10.67 4.95
C1' 5MC A 14 1.98 8.66 3.85
N1 5MC A 14 2.89 7.51 4.16
C2 5MC A 14 2.60 6.72 5.26
O2 5MC A 14 1.71 7.03 6.05
N3 5MC A 14 3.35 5.59 5.46
C4 5MC A 14 4.33 5.24 4.62
N4 5MC A 14 5.00 4.11 4.84
C5 5MC A 14 4.71 6.11 3.54
C6 5MC A 14 3.97 7.22 3.36
CM5 5MC A 14 5.84 5.75 2.59
H5' 5MC A 14 2.29 10.22 0.08
H5'' 5MC A 14 3.46 11.37 0.75
H4' 5MC A 14 1.46 10.90 2.23
H3' 5MC A 14 4.21 10.23 3.31
H2' 5MC A 14 3.09 9.71 5.41
HO2' 5MC A 14 1.62 11.58 5.12
H1' 5MC A 14 0.95 8.42 4.18
HN41 5MC A 14 4.72 3.50 5.59
HN42 5MC A 14 5.84 3.90 4.32
H6 5MC A 14 4.23 7.90 2.57
HM51 5MC A 14 6.02 6.55 1.88
HM52 5MC A 14 6.75 5.57 3.16
HM53 5MC A 14 5.57 4.85 2.04
N1 OMC A 6 -2.23 0.73 4.20
C2 OMC A 6 -1.17 0.24 3.44
N3 OMC A 6 -0.17 -0.48 4.03
C4 OMC A 6 -0.31 -0.84 5.34
C5 OMC A 6 -1.36 -0.29 6.16
C6 OMC A 6 -2.29 0.47 5.56
O2 OMC A 6 -1.15 0.45 2.23
N4 OMC A 6 0.62 -1.62 5.89
C1' OMC A 6 -3.14 1.71 3.54
C2' OMC A 6 -4.33 1.05 2.85
O2' OMC A 6 -4.56 1.36 1.47
CM2 OMC A 6 -4.12 2.65 1.05
C3' OMC A 6 -5.52 1.37 3.74
C4' OMC A 6 -5.02 2.62 4.45
O4' OMC A 6 -3.61 2.60 4.51
O3' OMC A 6 -6.72 1.76 3.09
C5' OMC A 6 -5.63 2.71 5.86
O5' OMC A 6 -5.32 3.93 6.51
P OMC A 6 -5.80 4.20 8.04
OP1 OMC A 6 -6.61 5.45 8.03
OP2 OMC A 6 -6.41 2.95 8.56
H5 OMC A 6 -1.39 -0.41 7.23
H6 OMC A 6 -3.10 0.90 6.12
HN41 OMC A 6 1.39 -2.00 5.34
HN42 OMC A 6 0.55 -1.87 6.88
H1' OMC A 6 -2.53 2.30 2.85
H2' OMC A 6 -4.23 -0.03 2.89
HM21 OMC A 6 -3.06 2.60 0.78
HM22 OMC A 6 -4.68 2.92 0.16
HM23 OMC A 6 -4.27 3.41 1.81
H3' OMC A 6 -5.68 0.57 4.46
H4' OMC A 6 -5.31 3.41 3.79
H5' OMC A 6 -6.72 2.64 5.76
H5'' OMC A 6 -5.28 1.87 6.45
P OMG A 8 -9.44 -1.34 -3.27
OP1 OMG A 8 -10.30 -0.19 -3.67
OP2 OMG A 8 -9.79 -2.09 -2.04
O5' OMG A 8 -9.43 -2.39 -4.51
C5' OMG A 8 -9.01 -3.73 -4.39
C4' OMG A 8 -8.87 -4.37 -5.78
O4' OMG A 8 -7.89 -3.54 -6.34
C3' OMG A 8 -8.31 -5.79 -5.74
O3' OMG A 8 -9.23 -6.75 -6.21
C2' OMG A 8 -7.20 -5.72 -6.78
O2' OMG A 8 -7.51 -6.42 -7.97
CM2 OMG A 8 -6.35 -6.71 -8.73
C1' OMG A 8 -7.01 -4.25 -7.17
N9 OMG A 8 -5.66 -3.73 -6.89
C8 OMG A 8 -4.77 -4.07 -5.89
N7 OMG A 8 -3.71 -3.32 -5.87
C5 OMG A 8 -3.87 -2.47 -6.97
C6 OMG A 8 -3.10 -1.35 -7.40
O6 OMG A 8 -2.17 -0.81 -6.82
N1 OMG A 8 -3.52 -0.87 -8.64
C2 OMG A 8 -4.62 -1.33 -9.33
N2 OMG A 8 -4.91 -0.74 -10.50
N3 OMG A 8 -5.42 -2.32 -8.86
C4 OMG A 8 -4.98 -2.85 -7.69
H5' OMG A 8 -9.73 -4.29 -3.80
H5'' OMG A 8 -8.04 -3.76 -3.88
H4' OMG A 8 -9.75 -4.39 -6.42
H3' OMG A 8 -7.92 -6.01 -4.75
H2' OMG A 8 -6.34 -6.12 -6.27
HM21 OMG A 8 -6.04 -7.73 -8.53
HM22 OMG A 8 -6.60 -6.64 -9.78
HM23 OMG A 8 -5.53 -6.03 -8.50
H1' OMG A 8 -7.30 -4.08 -8.21
H8 OMG A 8 -4.90 -4.88 -5.18
HN1 OMG A 8 -3.00 -0.09 -9.03
HN21 OMG A 8 -4.33 0.01 -10.84
HN22 OMG A 8 -5.72 -1.04 -11.03
P 1MG A 11 3.49 -9.12 -1.82
OP1 1MG A 11 4.54 -10.08 -2.22
OP2 1MG A 11 2.74 -9.31 -0.56
O5' 1MG A 11 4.14 -7.65 -1.79
C5' 1MG A 11 5.26 -7.30 -2.58
C4' 1MG A 11 5.11 -5.83 -3.03
O4' 1MG A 11 4.61 -5.03 -1.97
C3' 1MG A 11 6.44 -5.23 -3.43
O3' 1MG A 11 6.16 -4.14 -4.29
C2' 1MG A 11 6.98 -4.78 -2.06
O2' 1MG A 11 7.85 -3.68 -2.12
C1' 1MG A 11 5.69 -4.43 -1.29
N9 1MG A 11 5.75 -4.82 0.13
C8 1MG A 11 5.31 -5.96 0.74
N7 1MG A 11 5.47 -5.98 2.03
C5 1MG A 11 6.08 -4.76 2.31
C6 1MG A 11 6.50 -4.21 3.56
O6 1MG A 11 6.41 -4.74 4.66
N1 1MG A 11 7.08 -2.94 3.41
CM1 1MG A 11 7.59 -2.24 4.60
C2 1MG A 11 7.23 -2.28 2.18
N2 1MG A 11 7.88 -1.12 2.11
N3 1MG A 11 6.81 -2.81 1.02
C4 1MG A 11 6.24 -4.04 1.14
H5' 1MG A 11 5.32 -7.91 -3.48
H5'' 1MG A 11 6.16 -7.45 -1.99
H4' 1MG A 11 4.39 -5.81 -3.86
H3' 1MG A 11 7.09 -5.95 -3.92
H2' 1MG A 11 7.48 -5.62 -1.58
HO2' 1MG A 11 8.40 -3.76 -2.90
H1' 1MG A 11 5.56 -3.36 -1.35
H8 1MG A 11 4.85 -6.78 0.21
HM11 1MG A 11 8.67 -2.15 4.55
HM12 1MG A 11 7.34 -2.77 5.52
HM13 1MG A 11 7.13 -1.25 4.66
HN21 1MG A 11 8.29 -0.71 2.94
HN22 1MG A 11 8.02 -0.68 1.21
P 5MC A 14 6.25 8.46 -1.25
OP1 5MC A 14 6.49 9.68 -2.05
OP2 5MC A 14 7.41 7.73 -0.69
O5' 5MC A 14 5.28 8.85 -0.01
C5' 5MC A 14 4.41 9.98 -0.05
C4' 5MC A 14 3.60 10.09 1.25
O4' 5MC A 14 2.97 8.85 1.55
C3' 5MC A 14 4.41 10.46 2.50
O3' 5MC A 14 4.61 11.86 2.61
C2' 5MC A 14 3.47 9.95 3.60
O2' 5MC A 14 2.46 10.90 3.87
C1' 5MC A 14 2.83 8.72 2.96
N1 5MC A 14 3.49 7.48 3.44
C2 5MC A 14 2.95 6.83 4.56
O2 5MC A 14 2.04 7.34 5.21
N3 5MC A 14 3.47 5.61 4.92
C4 5MC A 14 4.48 5.05 4.23
N4 5MC A 14 4.95 3.88 4.65
C5 5MC A 14 5.09 5.74 3.14
C6 5MC A 14 4.58 6.95 2.79
CM5 5MC A 14 6.21 5.11 2.33
H5' 5MC A 14 3.72 9.87 -0.89
H5'' 5MC A 14 4.99 10.89 -0.18
H4' 5MC A 14 2.82 10.84 1.12
H3' 5MC A 14 5.34 9.88 2.51
H2' 5MC A 14 4.01 9.70 4.52
HO2' 5MC A 14 1.88 10.53 4.55
H1' 5MC A 14 1.77 8.70 3.18
HN41 5MC A 14 4.49 3.39 5.40
HN42 5MC A 14 5.83 3.53 4.30
H6 5MC A 14 5.04 7.51 2.00
HM51 5MC A 14 7.06 4.87 2.98
HM52 5MC A 14 5.84 4.20 1.87
HM53 5MC A 14 6.55 5.78 1.54
N1 OMC A 6 -1.82 0.98 4.22
C2 OMC A 6 -0.81 0.37 3.49
N3 OMC A 6 0.11 -0.41 4.13
C4 OMC A 6 -0.07 -0.69 5.44
C5 OMC A 6 -1.12 -0.07 6.22
C6 OMC A 6 -1.96 0.75 5.56
O2 OMC A 6 -0.79 0.50 2.28
N4 OMC A 6 0.81 -1.51 6.05
C1' OMC A 6 -2.69 1.96 3.50
C2' OMC A 6 -3.94 1.29 2.89
O2' OMC A 6 -4.21 1.50 1.50
CM2 OMC A 6 -3.64 2.67 0.93
C3' OMC A 6 -5.08 1.76 3.79
C4' OMC A 6 -4.51 3.06 4.32
O4' OMC A 6 -3.12 2.95 4.41
O3' OMC A 6 -6.30 2.06 3.12
C5' OMC A 6 -5.12 3.50 5.66
O5' OMC A 6 -4.82 2.52 6.64
P OMC A 6 -5.38 2.55 8.15
OP1 OMC A 6 -6.65 3.31 8.15
OP2 OMC A 6 -5.35 1.17 8.67
H5 OMC A 6 -1.21 -0.20 7.29
H6 OMC A 6 -2.76 1.26 6.09
HN41 OMC A 6 1.57 -1.92 5.52
HN42 OMC A 6 0.70 -1.71 7.04
H1' OMC A 6 -2.08 2.46 2.76
H2' OMC A 6 -3.89 0.22 3.02
HM21 OMC A 6 -4.18 2.89 0.00
HM22 OMC A 6 -3.72 3.53 1.58
HM23 OMC A 6 -2.59 2.49 0.67
H3' OMC A 6 -5.22 1.05 4.61
H4' OMC A 6 -4.73 3.76 3.53
H5' OMC A 6 -4.69 4.46 5.96
H5'' OMC A 6 -6.20 3.61 5.55
P OMG A 8 -9.36 -1.26 -2.75
OP1 OMG A 8 -10.14 -0.07 -3.16
OP2 OMG A 8 -9.61 -1.88 -1.43
O5' OMG A 8 -9.56 -2.39 -3.90
C5' OMG A 8 -9.05 -3.71 -3.76
C4' OMG A 8 -9.17 -4.43 -5.11
O4' OMG A 8 -8.28 -3.65 -5.87
C3' OMG A 8 -8.61 -5.84 -5.07
O3' OMG A 8 -9.61 -6.85 -5.30
C2' OMG A 8 -7.72 -5.88 -6.32
O2' OMG A 8 -8.28 -6.63 -7.39
CM2 OMG A 8 -7.33 -6.94 -8.38
C1' OMG A 8 -7.60 -4.43 -6.81
N9 OMG A 8 -6.19 -3.97 -6.90
C8 OMG A 8 -5.11 -4.28 -6.11
N7 OMG A 8 -3.99 -3.76 -6.52
C5 OMG A 8 -4.35 -3.05 -7.67
C6 OMG A 8 -3.55 -2.26 -8.56
O6 OMG A 8 -2.36 -1.99 -8.46
N1 OMG A 8 -4.29 -1.74 -9.62
C2 OMG A 8 -5.64 -1.97 -9.82
N2 OMG A 8 -6.21 -1.40 -10.89
N3 OMG A 8 -6.38 -2.73 -8.99
C4 OMG A 8 -5.68 -3.24 -7.95
H5' OMG A 8 -9.63 -4.25 -3.00
H5'' OMG A 8 -7.99 -3.69 -3.45
H4' OMG A 8 -10.14 -4.45 -5.57
H3' OMG A 8 -8.03 -6.01 -4.16
H2' OMG A 8 -6.78 -6.29 -5.97
HM21 OMG A 8 -6.94 -7.94 -8.21
HM22 OMG A 8 -7.83 -6.96 -9.35
HM23 OMG A 8 -6.51 -6.23 -8.42
H1' OMG A 8 -8.12 -4.32 -7.78
H8 OMG A 8 -5.15 -4.93 -5.24
HN1 OMG A 8 -3.80 -1.15 -10.28
HN21 OMG A 8 -5.66 -0.82 -11.50
HN22 OMG A 8 -7.19 -1.54 -11.08
P 1MG A 11 3.83 -8.97 -4.24
OP1 1MG A 11 4.85 -9.38 -5.22
OP2 1MG A 11 3.45 -9.89 -3.16
O5' 1MG A 11 4.32 -7.59 -3.57
C5' 1MG A 11 4.91 -6.53 -4.32
C4' 1MG A 11 5.02 -5.28 -3.44
O4' 1MG A 11 4.40 -5.49 -2.19
C3' 1MG A 11 6.46 -4.79 -3.16
O3' 1MG A 11 6.76 -3.74 -4.08
C2' 1MG A 11 6.42 -4.44 -1.66
O2' 1MG A 11 6.83 -3.14 -1.32
C1' 1MG A 11 4.95 -4.63 -1.23
N9 1MG A 11 4.87 -5.22 0.11
C8 1MG A 11 4.64 -6.54 0.46
N7 1MG A 11 4.73 -6.78 1.74
C5 1MG A 11 5.05 -5.55 2.30
C6 1MG A 11 5.31 -5.20 3.66
O6 1MG A 11 5.23 -5.95 4.62
N1 1MG A 11 5.68 -3.85 3.80
CM1 1MG A 11 6.08 -3.39 5.14
C2 1MG A 11 5.66 -2.92 2.76
N2 1MG A 11 5.86 -1.64 3.03
N3 1MG A 11 5.38 -3.27 1.49
C4 1MG A 11 5.12 -4.59 1.32
H5' 1MG A 11 4.30 -6.31 -5.18
H5'' 1MG A 11 5.89 -6.85 -4.67
H4' 1MG A 11 4.47 -4.47 -3.92
H3' 1MG A 11 7.17 -5.61 -3.30
H2' 1MG A 11 7.05 -5.15 -1.13
HO2' 1MG A 11 7.74 -3.03 -1.59
H1' 1MG A 11 4.42 -3.68 -1.28
H8 1MG A 11 4.42 -7.30 -0.26
HM11 1MG A 11 5.28 -2.82 5.58
HM12 1MG A 11 6.98 -2.78 5.06
HM13 1MG A 11 6.33 -4.22 5.80
HN21 1MG A 11 6.02 -1.31 3.97
HN22 1MG A 11 5.80 -0.96 2.27
P 5MC A 14 5.00 9.30 -1.98
OP1 5MC A 14 4.71 10.26 -3.08
OP2 5MC A 14 6.41 9.10 -1.55
O5' 5MC A 14 4.14 9.79 -0.70
C5' 5MC A 14 4.75 10.12 0.53
C4' 5MC A 14 3.69 10.34 1.63
O4' 5MC A 14 2.92 9.18 1.83
C3' 5MC A 14 4.33 10.68 2.98
O3' 5MC A 14 4.56 12.07 3.12
C2' 5MC A 14 3.26 10.20 3.93
O2' 5MC A 14 2.22 11.15 4.03
C1' 5MC A 14 2.73 8.95 3.23
N1 5MC A 14 3.46 7.73 3.67
C2 5MC A 14 2.97 7.06 4.80
O2 5MC A 14 2.09 7.56 5.49
N3 5MC A 14 3.50 5.84 5.10
C4 5MC A 14 4.47 5.28 4.34
N4 5MC A 14 4.93 4.08 4.68
C5 5MC A 14 5.04 6.01 3.24
C6 5MC A 14 4.51 7.22 2.96
CM5 5MC A 14 6.15 5.43 2.38
H5' 5MC A 14 5.31 11.05 0.40
H5'' 5MC A 14 5.45 9.34 0.82
H4' 5MC A 14 3.02 11.15 1.33
H3' 5MC A 14 5.24 10.07 3.09
H2' 5MC A 14 3.65 9.97 4.93
HO2' 5MC A 14 2.60 12.00 4.26
H1' 5MC A 14 1.66 8.84 3.40
HN41 5MC A 14 4.54 3.59 5.48
HN42 5MC A 14 5.69 3.66 4.18
H6 5MC A 14 4.93 7.80 2.16
HM51 5MC A 14 6.33 6.06 1.51
HM52 5MC A 14 7.08 5.38 2.97
HM53 5MC A 14 5.88 4.44 2.04
#